data_5KDI
#
_entry.id   5KDI
#
_cell.length_a   66.241
_cell.length_b   74.607
_cell.length_c   93.592
_cell.angle_alpha   90.000
_cell.angle_beta   90.000
_cell.angle_gamma   90.000
#
_symmetry.space_group_name_H-M   'P 21 21 21'
#
loop_
_entity.id
_entity.type
_entity.pdbx_description
1 polymer 'Pleckstrin homology domain-containing family A member 8'
2 non-polymer (~{Z})-~{N}-[(~{E},2~{S},3~{R})-1-[(2~{R},3~{R},4~{S},5~{R},6~{R})-6-(hydroxymethyl)-3,4,5-tris(oxidanyl)oxan-2-yl]oxy-3-oxidanyl-octadec-4-en-2-yl]octadec-9-enamide
3 water water
#
_entity_poly.entity_id   1
_entity_poly.type   'polypeptide(L)'
_entity_poly.pdbx_seq_one_letter_code
;PTFFSTMNTSFSDIELLEDSGIPTEAFLASCYAVVPVLDKLGPTVFAPVKMDLVGNIKKVNQKYITNKAKFTTLQKIVLH
EVEADVAQVRNSATEALLWLKRGLKFLKGFLTEVKNGEKDIQTALNNAYGKTLRQHHGWVVRGVFALALRAAPSYEDFVA
ALTVKEGDHQKEAFSIGMQRDLSLYLPAMEKQLAILDTLYEVHGLESDEVV
;
_entity_poly.pdbx_strand_id   A,B
#
# COMPACT_ATOMS: atom_id res chain seq x y z
N PRO A 1 22.76 26.51 4.29
CA PRO A 1 22.48 25.09 4.05
C PRO A 1 21.07 24.85 3.50
N THR A 2 20.85 23.64 3.00
CA THR A 2 19.56 23.21 2.57
C THR A 2 19.23 21.85 3.21
N PHE A 3 17.97 21.40 3.03
CA PHE A 3 17.60 20.08 3.46
C PHE A 3 18.66 19.04 3.07
N PHE A 4 19.19 19.16 1.83
CA PHE A 4 20.05 18.15 1.26
C PHE A 4 21.41 18.04 1.87
N SER A 5 21.73 18.95 2.81
CA SER A 5 22.96 18.86 3.56
C SER A 5 22.77 18.79 5.05
N THR A 6 21.54 18.52 5.47
CA THR A 6 21.25 18.38 6.89
C THR A 6 21.81 17.06 7.39
N MET A 7 22.08 16.96 8.69
CA MET A 7 22.71 15.75 9.25
C MET A 7 21.87 14.48 8.91
N ASN A 8 22.57 13.42 8.51
CA ASN A 8 22.04 12.07 8.11
C ASN A 8 21.31 12.07 6.78
N THR A 9 21.11 13.24 6.15
CA THR A 9 20.31 13.27 4.95
C THR A 9 21.06 12.83 3.71
N SER A 10 22.24 13.37 3.47
CA SER A 10 22.83 13.16 2.16
C SER A 10 23.53 11.80 1.93
N PHE A 11 23.18 11.24 0.79
CA PHE A 11 23.91 10.09 0.31
C PHE A 11 25.44 10.34 0.13
N SER A 12 25.81 11.61 -0.08
CA SER A 12 27.18 12.06 -0.26
C SER A 12 28.02 11.98 1.00
N ASP A 13 27.38 11.81 2.16
CA ASP A 13 28.11 11.72 3.42
C ASP A 13 28.24 10.25 3.88
N ILE A 14 27.82 9.32 3.00
CA ILE A 14 27.98 7.92 3.23
C ILE A 14 29.27 7.43 2.55
N GLU A 15 30.19 6.94 3.36
CA GLU A 15 31.40 6.41 2.78
C GLU A 15 31.30 4.91 2.72
N LEU A 16 31.75 4.38 1.58
CA LEU A 16 31.70 3.00 1.33
C LEU A 16 32.76 2.22 2.11
N LEU A 17 32.37 1.01 2.45
CA LEU A 17 33.27 0.05 3.16
C LEU A 17 34.01 -0.83 2.12
N GLU A 18 34.80 -1.80 2.60
CA GLU A 18 35.48 -2.77 1.76
C GLU A 18 34.50 -3.34 0.71
N ASP A 19 35.02 -3.57 -0.51
CA ASP A 19 34.29 -4.11 -1.60
C ASP A 19 33.00 -3.31 -1.96
N SER A 20 33.10 -1.98 -1.95
CA SER A 20 32.01 -1.03 -2.25
C SER A 20 30.80 -1.24 -1.34
N GLY A 21 31.04 -1.73 -0.13
CA GLY A 21 29.94 -2.00 0.78
C GLY A 21 29.20 -0.76 1.22
N ILE A 22 27.86 -0.77 1.09
CA ILE A 22 27.04 0.40 1.45
C ILE A 22 26.58 0.15 2.90
N PRO A 23 27.04 1.03 3.82
CA PRO A 23 26.67 0.85 5.24
C PRO A 23 25.14 0.87 5.40
N THR A 24 24.61 -0.09 6.16
CA THR A 24 23.15 -0.26 6.25
C THR A 24 22.45 0.90 6.94
N GLU A 25 22.87 1.28 8.17
CA GLU A 25 22.13 2.32 8.91
C GLU A 25 22.13 3.64 8.19
N ALA A 26 23.30 4.06 7.71
CA ALA A 26 23.39 5.35 7.04
C ALA A 26 22.53 5.42 5.78
N PHE A 27 22.52 4.35 4.99
CA PHE A 27 21.68 4.28 3.82
C PHE A 27 20.21 4.44 4.18
N LEU A 28 19.76 3.67 5.18
CA LEU A 28 18.36 3.69 5.57
C LEU A 28 17.99 5.08 6.10
N ALA A 29 18.92 5.74 6.80
CA ALA A 29 18.66 7.11 7.30
C ALA A 29 18.48 8.11 6.18
N SER A 30 19.25 7.92 5.13
CA SER A 30 19.11 8.80 3.95
C SER A 30 17.75 8.56 3.28
N CYS A 31 17.32 7.31 3.24
CA CYS A 31 15.99 7.03 2.69
C CYS A 31 14.90 7.67 3.53
N TYR A 32 15.05 7.55 4.84
CA TYR A 32 14.00 8.09 5.73
C TYR A 32 13.90 9.63 5.66
N ALA A 33 15.00 10.29 5.37
CA ALA A 33 15.09 11.75 5.50
C ALA A 33 14.06 12.49 4.70
N VAL A 34 13.58 11.91 3.59
CA VAL A 34 12.55 12.59 2.78
C VAL A 34 11.15 12.52 3.39
N VAL A 35 10.95 11.62 4.34
CA VAL A 35 9.60 11.43 4.95
C VAL A 35 9.02 12.73 5.55
N PRO A 36 9.81 13.47 6.33
CA PRO A 36 9.29 14.73 6.87
C PRO A 36 8.99 15.80 5.82
N VAL A 37 9.71 15.73 4.70
CA VAL A 37 9.41 16.63 3.60
C VAL A 37 8.07 16.27 3.00
N LEU A 38 7.83 14.97 2.80
CA LEU A 38 6.50 14.51 2.26
C LEU A 38 5.39 14.99 3.21
N ASP A 39 5.62 14.88 4.51
CA ASP A 39 4.64 15.36 5.50
C ASP A 39 4.37 16.84 5.48
N LYS A 40 5.41 17.63 5.16
CA LYS A 40 5.25 19.08 5.02
C LYS A 40 4.39 19.36 3.73
N LEU A 41 4.62 18.61 2.68
CA LEU A 41 3.97 18.87 1.39
C LEU A 41 2.58 18.28 1.19
N GLY A 42 2.27 17.22 1.93
CA GLY A 42 0.98 16.60 1.74
C GLY A 42 0.77 15.42 2.63
N PRO A 43 0.40 15.71 3.86
CA PRO A 43 0.37 14.61 4.84
C PRO A 43 -0.63 13.49 4.49
N THR A 44 -1.75 13.86 3.84
CA THR A 44 -2.74 12.84 3.41
C THR A 44 -2.43 12.36 2.01
N VAL A 45 -2.24 13.32 1.12
CA VAL A 45 -2.16 13.02 -0.33
C VAL A 45 -0.92 12.20 -0.65
N PHE A 46 0.16 12.39 0.10
CA PHE A 46 1.36 11.60 -0.11
C PHE A 46 1.57 10.50 0.90
N ALA A 47 0.54 10.18 1.67
CA ALA A 47 0.64 9.12 2.68
C ALA A 47 1.06 7.76 2.01
N PRO A 48 0.55 7.44 0.81
CA PRO A 48 1.02 6.16 0.21
C PRO A 48 2.53 6.08 0.04
N VAL A 49 3.13 7.22 -0.29
CA VAL A 49 4.56 7.31 -0.49
C VAL A 49 5.29 7.08 0.85
N LYS A 50 4.87 7.81 1.86
CA LYS A 50 5.43 7.70 3.18
C LYS A 50 5.32 6.24 3.68
N MET A 51 4.13 5.66 3.57
CA MET A 51 3.94 4.31 4.03
C MET A 51 4.82 3.28 3.32
N ASP A 52 5.02 3.48 2.00
CA ASP A 52 5.88 2.62 1.27
C ASP A 52 7.33 2.67 1.75
N LEU A 53 7.84 3.87 1.84
CA LEU A 53 9.20 4.11 2.27
C LEU A 53 9.43 3.56 3.69
N VAL A 54 8.59 3.93 4.62
CA VAL A 54 8.74 3.50 6.01
C VAL A 54 8.68 1.97 6.10
N GLY A 55 7.77 1.39 5.33
CA GLY A 55 7.62 -0.02 5.39
C GLY A 55 8.84 -0.76 4.88
N ASN A 56 9.42 -0.27 3.80
CA ASN A 56 10.61 -0.94 3.26
C ASN A 56 11.85 -0.74 4.17
N ILE A 57 11.99 0.45 4.74
CA ILE A 57 13.07 0.72 5.67
C ILE A 57 12.92 -0.27 6.85
N LYS A 58 11.67 -0.45 7.33
CA LYS A 58 11.42 -1.37 8.46
C LYS A 58 11.88 -2.80 8.11
N LYS A 59 11.51 -3.27 6.93
CA LYS A 59 11.85 -4.62 6.53
C LYS A 59 13.36 -4.86 6.38
N VAL A 60 14.09 -3.88 5.92
CA VAL A 60 15.53 -4.01 5.91
C VAL A 60 16.10 -4.00 7.35
N ASN A 61 15.63 -3.05 8.13
CA ASN A 61 16.08 -2.88 9.49
C ASN A 61 15.80 -4.13 10.34
N GLN A 62 14.65 -4.77 10.10
CA GLN A 62 14.29 -5.97 10.82
C GLN A 62 15.32 -7.09 10.66
N LYS A 63 15.89 -7.24 9.48
CA LYS A 63 16.94 -8.21 9.27
C LYS A 63 18.25 -7.67 9.93
N TYR A 64 18.57 -6.43 9.66
CA TYR A 64 19.80 -5.81 10.16
C TYR A 64 19.98 -6.04 11.67
N ILE A 65 18.94 -5.69 12.45
CA ILE A 65 19.01 -5.68 13.91
C ILE A 65 19.20 -7.07 14.54
N THR A 66 18.93 -8.07 13.73
CA THR A 66 19.10 -9.46 14.10
C THR A 66 20.59 -9.83 14.33
N ASN A 67 21.48 -9.11 13.62
CA ASN A 67 22.95 -9.38 13.69
C ASN A 67 23.74 -8.27 13.07
N LYS A 68 23.86 -7.18 13.80
CA LYS A 68 24.41 -5.97 13.19
C LYS A 68 25.85 -6.13 12.67
N ALA A 69 26.67 -6.90 13.39
CA ALA A 69 28.05 -7.18 13.03
C ALA A 69 28.13 -7.92 11.71
N LYS A 70 27.21 -8.85 11.52
CA LYS A 70 27.13 -9.59 10.29
C LYS A 70 26.58 -8.76 9.14
N PHE A 71 25.70 -7.82 9.44
CA PHE A 71 24.90 -7.15 8.40
C PHE A 71 25.26 -5.66 8.27
N THR A 72 26.54 -5.38 8.32
CA THR A 72 27.05 -4.03 8.27
C THR A 72 26.80 -3.29 6.96
N THR A 73 26.53 -4.06 5.91
CA THR A 73 26.24 -3.51 4.63
C THR A 73 25.00 -4.11 4.00
N LEU A 74 24.45 -3.37 3.05
CA LEU A 74 23.30 -3.85 2.29
C LEU A 74 23.65 -5.16 1.58
N GLN A 75 24.82 -5.20 0.98
CA GLN A 75 25.23 -6.38 0.25
C GLN A 75 25.29 -7.64 1.13
N LYS A 76 25.79 -7.47 2.38
CA LYS A 76 25.84 -8.56 3.33
C LYS A 76 24.47 -9.09 3.66
N ILE A 77 23.47 -8.21 3.77
CA ILE A 77 22.12 -8.65 4.00
C ILE A 77 21.58 -9.44 2.78
N VAL A 78 21.69 -8.87 1.60
CA VAL A 78 21.15 -9.48 0.39
C VAL A 78 21.83 -10.82 0.13
N LEU A 79 23.15 -10.82 0.24
CA LEU A 79 23.91 -12.05 -0.05
C LEU A 79 23.57 -13.14 0.97
N HIS A 80 23.33 -12.76 2.22
CA HIS A 80 22.87 -13.77 3.21
C HIS A 80 21.54 -14.36 2.84
N GLU A 81 20.60 -13.50 2.40
CA GLU A 81 19.29 -14.00 1.98
C GLU A 81 19.37 -14.97 0.85
N VAL A 82 20.24 -14.65 -0.11
CA VAL A 82 20.49 -15.54 -1.25
C VAL A 82 21.08 -16.89 -0.75
N GLU A 83 22.07 -16.83 0.14
CA GLU A 83 22.74 -18.05 0.66
C GLU A 83 21.73 -18.96 1.40
N ALA A 84 20.86 -18.33 2.18
CA ALA A 84 19.84 -18.98 2.97
C ALA A 84 18.57 -19.38 2.16
N ASP A 85 18.53 -18.96 0.90
CA ASP A 85 17.38 -19.19 0.03
C ASP A 85 16.05 -18.63 0.60
N VAL A 86 16.14 -17.38 1.06
CA VAL A 86 15.02 -16.65 1.67
C VAL A 86 14.76 -15.31 1.00
N ALA A 87 15.43 -15.01 -0.12
CA ALA A 87 15.20 -13.73 -0.76
C ALA A 87 13.81 -13.59 -1.37
N GLN A 88 13.18 -14.74 -1.61
CA GLN A 88 11.82 -14.77 -2.18
C GLN A 88 10.73 -14.99 -1.13
N VAL A 89 11.10 -15.06 0.14
CA VAL A 89 10.14 -15.24 1.20
C VAL A 89 9.48 -13.91 1.53
N ARG A 90 8.18 -13.94 1.84
CA ARG A 90 7.48 -12.68 2.09
C ARG A 90 8.25 -11.80 3.15
N ASN A 91 8.23 -10.48 2.93
CA ASN A 91 8.80 -9.49 3.83
C ASN A 91 10.34 -9.50 3.76
N SER A 92 10.95 -10.16 2.79
CA SER A 92 12.43 -10.16 2.71
C SER A 92 13.05 -8.75 2.58
N ALA A 93 14.26 -8.62 3.11
CA ALA A 93 15.04 -7.43 2.89
C ALA A 93 15.40 -7.23 1.44
N THR A 94 15.60 -8.34 0.71
CA THR A 94 15.94 -8.25 -0.71
C THR A 94 14.79 -7.58 -1.52
N GLU A 95 13.55 -7.98 -1.22
CA GLU A 95 12.39 -7.41 -1.85
C GLU A 95 12.20 -5.94 -1.43
N ALA A 96 12.39 -5.68 -0.13
CA ALA A 96 12.24 -4.30 0.39
C ALA A 96 13.24 -3.39 -0.30
N LEU A 97 14.48 -3.85 -0.43
CA LEU A 97 15.51 -3.01 -1.01
C LEU A 97 15.29 -2.83 -2.55
N LEU A 98 14.73 -3.86 -3.21
CA LEU A 98 14.32 -3.74 -4.60
C LEU A 98 13.43 -2.53 -4.79
N TRP A 99 12.40 -2.46 -3.96
CA TRP A 99 11.44 -1.36 -4.07
C TRP A 99 12.01 -0.02 -3.56
N LEU A 100 12.91 -0.04 -2.56
CA LEU A 100 13.61 1.18 -2.17
C LEU A 100 14.45 1.74 -3.32
N LYS A 101 15.22 0.87 -4.00
CA LYS A 101 16.05 1.37 -5.06
C LYS A 101 15.23 1.91 -6.23
N ARG A 102 14.08 1.28 -6.47
CA ARG A 102 13.20 1.75 -7.53
C ARG A 102 12.66 3.15 -7.16
N GLY A 103 12.29 3.30 -5.92
CA GLY A 103 11.81 4.57 -5.48
C GLY A 103 12.88 5.67 -5.49
N LEU A 104 14.11 5.29 -5.13
CA LEU A 104 15.21 6.26 -5.15
C LEU A 104 15.56 6.66 -6.60
N LYS A 105 15.47 5.70 -7.55
CA LYS A 105 15.75 6.07 -8.95
C LYS A 105 14.74 7.18 -9.41
N PHE A 106 13.46 7.04 -9.02
CA PHE A 106 12.44 8.06 -9.24
C PHE A 106 12.82 9.41 -8.58
N LEU A 107 13.18 9.37 -7.30
CA LEU A 107 13.58 10.57 -6.60
C LEU A 107 14.77 11.27 -7.31
N LYS A 108 15.76 10.47 -7.71
CA LYS A 108 16.95 10.99 -8.39
C LYS A 108 16.51 11.70 -9.70
N GLY A 109 15.61 11.04 -10.46
CA GLY A 109 15.14 11.60 -11.73
C GLY A 109 14.43 12.93 -11.51
N PHE A 110 13.53 12.96 -10.53
CA PHE A 110 12.76 14.14 -10.23
C PHE A 110 13.70 15.30 -9.77
N LEU A 111 14.63 15.01 -8.89
CA LEU A 111 15.51 16.05 -8.37
C LEU A 111 16.51 16.54 -9.42
N THR A 112 16.89 15.65 -10.34
CA THR A 112 17.72 16.07 -11.50
C THR A 112 16.98 17.07 -12.37
N GLU A 113 15.70 16.83 -12.67
CA GLU A 113 14.90 17.81 -13.43
C GLU A 113 14.91 19.16 -12.72
N VAL A 114 14.60 19.15 -11.43
CA VAL A 114 14.65 20.38 -10.61
C VAL A 114 16.01 21.08 -10.62
N LYS A 115 17.07 20.32 -10.44
CA LYS A 115 18.43 20.87 -10.45
C LYS A 115 18.78 21.51 -11.79
N ASN A 116 18.27 20.95 -12.89
CA ASN A 116 18.58 21.41 -14.23
C ASN A 116 17.61 22.55 -14.65
N GLY A 117 16.81 23.03 -13.71
CA GLY A 117 16.05 24.24 -13.85
C GLY A 117 14.59 24.11 -14.14
N GLU A 118 14.01 22.92 -13.97
CA GLU A 118 12.55 22.75 -14.15
C GLU A 118 11.80 23.32 -12.96
N LYS A 119 10.92 24.28 -13.23
CA LYS A 119 10.15 24.94 -12.20
C LYS A 119 8.72 24.42 -12.14
N ASP A 120 8.26 23.68 -13.17
CA ASP A 120 6.97 23.06 -13.09
C ASP A 120 7.15 21.72 -12.39
N ILE A 121 6.72 21.62 -11.14
CA ILE A 121 6.91 20.40 -10.33
C ILE A 121 6.18 19.22 -10.91
N GLN A 122 4.96 19.42 -11.41
CA GLN A 122 4.26 18.35 -12.12
C GLN A 122 5.02 17.80 -13.33
N THR A 123 5.60 18.70 -14.11
CA THR A 123 6.41 18.29 -15.27
C THR A 123 7.61 17.43 -14.82
N ALA A 124 8.32 17.93 -13.80
CA ALA A 124 9.47 17.25 -13.26
C ALA A 124 9.12 15.82 -12.77
N LEU A 125 8.04 15.71 -11.99
CA LEU A 125 7.56 14.44 -11.44
C LEU A 125 7.14 13.50 -12.52
N ASN A 126 6.39 13.99 -13.50
CA ASN A 126 5.85 13.14 -14.50
C ASN A 126 6.96 12.66 -15.46
N ASN A 127 7.91 13.54 -15.78
CA ASN A 127 9.05 13.13 -16.62
C ASN A 127 9.84 12.01 -15.93
N ALA A 128 10.10 12.21 -14.64
CA ALA A 128 10.88 11.21 -13.88
C ALA A 128 10.09 9.89 -13.78
N TYR A 129 8.78 10.01 -13.56
CA TYR A 129 7.94 8.81 -13.40
C TYR A 129 7.98 7.85 -14.61
N GLY A 130 7.82 8.45 -15.77
CA GLY A 130 7.83 7.78 -17.04
C GLY A 130 9.10 6.97 -17.26
N LYS A 131 10.23 7.54 -16.83
CA LYS A 131 11.53 6.91 -17.01
C LYS A 131 11.90 5.88 -15.95
N THR A 132 11.17 5.85 -14.85
CA THR A 132 11.57 5.04 -13.68
C THR A 132 10.44 4.08 -13.25
N LEU A 133 9.57 4.56 -12.39
CA LEU A 133 8.64 3.71 -11.70
C LEU A 133 7.47 3.21 -12.53
N ARG A 134 7.11 3.96 -13.58
CA ARG A 134 5.93 3.62 -14.37
C ARG A 134 5.98 2.20 -14.87
N GLN A 135 7.15 1.73 -15.31
CA GLN A 135 7.29 0.38 -15.81
C GLN A 135 6.93 -0.72 -14.78
N HIS A 136 7.07 -0.36 -13.50
CA HIS A 136 6.78 -1.28 -12.40
C HIS A 136 5.37 -1.24 -11.83
N HIS A 137 4.53 -0.39 -12.40
CA HIS A 137 3.16 -0.15 -11.91
C HIS A 137 2.12 -0.57 -12.92
N GLY A 138 1.09 -1.22 -12.40
CA GLY A 138 -0.10 -1.47 -13.15
C GLY A 138 -1.11 -0.29 -13.20
N TRP A 139 -2.29 -0.57 -13.79
CA TRP A 139 -3.23 0.45 -14.10
C TRP A 139 -3.68 1.22 -12.86
N VAL A 140 -4.01 0.49 -11.80
CA VAL A 140 -4.50 1.14 -10.59
C VAL A 140 -3.45 1.98 -9.90
N VAL A 141 -2.22 1.50 -9.85
CA VAL A 141 -1.17 2.27 -9.18
C VAL A 141 -0.76 3.48 -10.05
N ARG A 142 -0.81 3.33 -11.38
CA ARG A 142 -0.55 4.47 -12.22
C ARG A 142 -1.60 5.57 -11.95
N GLY A 143 -2.85 5.12 -11.74
CA GLY A 143 -3.94 6.04 -11.36
C GLY A 143 -3.68 6.77 -10.03
N VAL A 144 -3.11 6.06 -9.06
CA VAL A 144 -2.69 6.67 -7.78
C VAL A 144 -1.59 7.69 -7.99
N PHE A 145 -0.64 7.38 -8.86
CA PHE A 145 0.39 8.36 -9.19
C PHE A 145 -0.28 9.58 -9.81
N ALA A 146 -1.19 9.36 -10.71
CA ALA A 146 -1.84 10.50 -11.38
C ALA A 146 -2.60 11.41 -10.36
N LEU A 147 -3.14 10.81 -9.32
CA LEU A 147 -3.77 11.54 -8.21
C LEU A 147 -2.76 12.36 -7.44
N ALA A 148 -1.63 11.76 -7.12
CA ALA A 148 -0.57 12.40 -6.39
C ALA A 148 -0.07 13.62 -7.20
N LEU A 149 0.09 13.42 -8.51
CA LEU A 149 0.63 14.42 -9.41
C LEU A 149 -0.25 15.66 -9.43
N ARG A 150 -1.58 15.45 -9.43
CA ARG A 150 -2.51 16.58 -9.41
C ARG A 150 -2.37 17.45 -8.18
N ALA A 151 -1.91 16.85 -7.11
CA ALA A 151 -1.73 17.52 -5.77
C ALA A 151 -0.28 18.01 -5.58
N ALA A 152 0.52 17.97 -6.62
CA ALA A 152 1.91 18.41 -6.55
C ALA A 152 1.99 19.85 -6.05
N PRO A 153 3.03 20.15 -5.24
CA PRO A 153 3.18 21.52 -4.79
C PRO A 153 3.63 22.52 -5.88
N SER A 154 3.30 23.81 -5.71
CA SER A 154 3.97 24.85 -6.46
C SER A 154 5.48 24.76 -6.25
N TYR A 155 6.23 25.28 -7.20
CA TYR A 155 7.67 25.40 -7.03
C TYR A 155 8.02 26.10 -5.67
N GLU A 156 7.39 27.24 -5.39
CA GLU A 156 7.65 27.95 -4.15
C GLU A 156 7.39 27.13 -2.87
N ASP A 157 6.30 26.39 -2.83
CA ASP A 157 5.98 25.55 -1.68
C ASP A 157 6.97 24.41 -1.60
N PHE A 158 7.38 23.89 -2.77
CA PHE A 158 8.37 22.84 -2.78
C PHE A 158 9.71 23.30 -2.18
N VAL A 159 10.26 24.40 -2.68
CA VAL A 159 11.53 24.83 -2.13
C VAL A 159 11.38 25.30 -0.66
N ALA A 160 10.24 25.88 -0.31
CA ALA A 160 10.01 26.27 1.10
C ALA A 160 10.13 25.02 2.06
N ALA A 161 9.75 23.84 1.58
CA ALA A 161 9.86 22.60 2.35
C ALA A 161 11.31 22.09 2.45
N LEU A 162 12.22 22.71 1.72
CA LEU A 162 13.63 22.30 1.69
C LEU A 162 14.57 23.28 2.39
N THR A 163 14.02 24.27 3.05
CA THR A 163 14.79 25.24 3.80
C THR A 163 15.06 24.76 5.21
N VAL A 164 16.18 25.23 5.74
CA VAL A 164 16.59 24.99 7.11
C VAL A 164 16.00 26.11 8.05
N LYS A 165 15.95 27.36 7.58
CA LYS A 165 15.22 28.45 8.23
C LYS A 165 14.18 29.05 7.28
N GLU A 166 12.97 29.29 7.79
CA GLU A 166 11.95 29.92 7.01
C GLU A 166 12.40 31.21 6.32
N GLY A 167 12.02 31.30 5.05
CA GLY A 167 12.34 32.43 4.19
C GLY A 167 13.62 32.33 3.41
N ASP A 168 14.41 31.29 3.71
CA ASP A 168 15.72 31.10 3.04
C ASP A 168 15.56 31.07 1.54
N HIS A 169 14.42 30.53 1.06
CA HIS A 169 14.21 30.32 -0.38
C HIS A 169 14.15 31.59 -1.20
N GLN A 170 13.94 32.72 -0.51
CA GLN A 170 13.92 34.01 -1.17
C GLN A 170 15.29 34.67 -1.24
N LYS A 171 16.34 33.95 -0.84
CA LYS A 171 17.72 34.41 -0.99
C LYS A 171 18.39 33.69 -2.17
N GLU A 172 19.18 34.44 -2.97
CA GLU A 172 20.00 33.83 -4.01
C GLU A 172 20.90 32.71 -3.43
N ALA A 173 21.42 32.93 -2.20
CA ALA A 173 22.31 31.97 -1.51
C ALA A 173 21.68 30.59 -1.40
N PHE A 174 20.34 30.57 -1.36
CA PHE A 174 19.66 29.29 -1.24
C PHE A 174 19.67 28.55 -2.55
N SER A 175 19.41 29.26 -3.65
CA SER A 175 19.46 28.66 -4.98
C SER A 175 20.84 28.09 -5.26
N ILE A 176 21.86 28.87 -4.91
CA ILE A 176 23.25 28.43 -5.00
C ILE A 176 23.47 27.18 -4.10
N GLY A 177 22.93 27.24 -2.88
CA GLY A 177 23.07 26.14 -1.94
C GLY A 177 22.38 24.87 -2.37
N MET A 178 21.20 25.03 -3.00
CA MET A 178 20.49 23.89 -3.62
C MET A 178 21.33 23.23 -4.71
N GLN A 179 21.91 24.04 -5.59
CA GLN A 179 22.81 23.54 -6.65
C GLN A 179 24.00 22.82 -6.04
N ARG A 180 24.66 23.45 -5.04
CA ARG A 180 25.81 22.84 -4.35
C ARG A 180 25.42 21.54 -3.77
N ASP A 181 24.32 21.50 -3.03
CA ASP A 181 23.99 20.29 -2.30
C ASP A 181 23.50 19.17 -3.19
N LEU A 182 22.65 19.50 -4.19
CA LEU A 182 22.20 18.48 -5.16
C LEU A 182 23.30 17.97 -6.03
N SER A 183 24.30 18.80 -6.31
CA SER A 183 25.47 18.35 -7.10
C SER A 183 26.35 17.33 -6.41
N LEU A 184 26.18 17.19 -5.08
CA LEU A 184 26.79 16.09 -4.33
C LEU A 184 25.77 14.93 -4.09
N TYR A 185 24.56 15.30 -3.69
CA TYR A 185 23.51 14.34 -3.34
C TYR A 185 23.20 13.35 -4.48
N LEU A 186 23.02 13.90 -5.67
CA LEU A 186 22.62 13.10 -6.82
C LEU A 186 23.68 12.12 -7.33
N PRO A 187 24.93 12.56 -7.57
CA PRO A 187 25.92 11.58 -8.02
C PRO A 187 26.24 10.56 -6.96
N ALA A 188 26.17 10.95 -5.69
CA ALA A 188 26.40 9.97 -4.61
C ALA A 188 25.31 8.91 -4.64
N MET A 189 24.06 9.33 -4.78
CA MET A 189 22.95 8.40 -4.89
C MET A 189 23.12 7.49 -6.10
N GLU A 190 23.47 8.10 -7.24
CA GLU A 190 23.68 7.34 -8.51
C GLU A 190 24.71 6.23 -8.27
N LYS A 191 25.82 6.57 -7.60
CA LYS A 191 26.89 5.61 -7.38
C LYS A 191 26.36 4.39 -6.60
N GLN A 192 25.63 4.66 -5.53
CA GLN A 192 25.07 3.61 -4.70
C GLN A 192 24.02 2.80 -5.44
N LEU A 193 23.18 3.49 -6.20
CA LEU A 193 22.14 2.75 -6.97
C LEU A 193 22.79 1.83 -8.03
N ALA A 194 23.90 2.29 -8.65
CA ALA A 194 24.61 1.49 -9.67
C ALA A 194 25.16 0.20 -9.05
N ILE A 195 25.74 0.36 -7.84
CA ILE A 195 26.25 -0.78 -7.08
C ILE A 195 25.12 -1.77 -6.87
N LEU A 196 23.99 -1.28 -6.39
CA LEU A 196 22.84 -2.13 -6.10
C LEU A 196 22.28 -2.80 -7.36
N ASP A 197 22.20 -2.01 -8.43
CA ASP A 197 21.71 -2.55 -9.70
C ASP A 197 22.58 -3.72 -10.16
N THR A 198 23.90 -3.55 -10.07
CA THR A 198 24.84 -4.64 -10.45
C THR A 198 24.63 -5.88 -9.56
N LEU A 199 24.51 -5.69 -8.24
CA LEU A 199 24.30 -6.76 -7.30
C LEU A 199 23.03 -7.54 -7.72
N TYR A 200 21.94 -6.80 -7.94
CA TYR A 200 20.68 -7.46 -8.32
C TYR A 200 20.77 -8.19 -9.69
N GLU A 201 21.39 -7.54 -10.67
CA GLU A 201 21.55 -8.16 -11.97
C GLU A 201 22.37 -9.44 -11.89
N VAL A 202 23.53 -9.37 -11.24
CA VAL A 202 24.45 -10.48 -11.19
C VAL A 202 23.85 -11.72 -10.49
N HIS A 203 23.01 -11.50 -9.48
CA HIS A 203 22.46 -12.59 -8.70
C HIS A 203 21.04 -12.94 -9.15
N GLY A 204 20.56 -12.33 -10.24
CA GLY A 204 19.29 -12.78 -10.80
C GLY A 204 18.08 -12.34 -9.94
N LEU A 205 18.20 -11.17 -9.25
CA LEU A 205 17.21 -10.72 -8.27
C LEU A 205 16.28 -9.63 -8.79
N GLU A 206 16.47 -9.16 -10.04
CA GLU A 206 15.61 -8.16 -10.70
C GLU A 206 14.32 -8.78 -11.16
N SER A 207 13.33 -8.77 -10.32
CA SER A 207 12.02 -9.36 -10.56
C SER A 207 11.18 -8.62 -11.66
N ASP A 208 10.48 -9.38 -12.48
CA ASP A 208 9.71 -8.75 -13.57
C ASP A 208 8.25 -8.48 -13.14
N GLU A 209 7.89 -8.90 -11.92
CA GLU A 209 6.59 -8.63 -11.31
C GLU A 209 6.24 -7.11 -11.17
N VAL A 210 5.00 -6.81 -11.52
CA VAL A 210 4.47 -5.45 -11.45
C VAL A 210 3.44 -5.35 -10.35
N VAL A 211 3.20 -4.12 -9.91
CA VAL A 211 2.15 -3.91 -8.90
C VAL A 211 1.07 -2.99 -9.40
N PRO B 1 -34.25 -1.27 -4.01
CA PRO B 1 -32.88 -1.76 -4.40
C PRO B 1 -31.76 -0.80 -4.01
N THR B 2 -30.58 -1.35 -3.66
CA THR B 2 -29.43 -0.59 -3.23
C THR B 2 -28.18 -1.25 -3.85
N PHE B 3 -27.05 -0.63 -3.66
CA PHE B 3 -25.81 -1.21 -4.10
C PHE B 3 -25.68 -2.64 -3.64
N PHE B 4 -26.13 -2.88 -2.41
CA PHE B 4 -25.85 -4.18 -1.74
C PHE B 4 -26.72 -5.32 -2.27
N SER B 5 -27.59 -5.10 -3.25
CA SER B 5 -28.24 -6.24 -3.88
C SER B 5 -28.18 -6.20 -5.42
N THR B 6 -27.22 -5.43 -5.93
CA THR B 6 -26.91 -5.44 -7.37
C THR B 6 -26.28 -6.74 -7.82
N MET B 7 -26.37 -7.04 -9.11
CA MET B 7 -25.92 -8.35 -9.58
C MET B 7 -24.45 -8.57 -9.27
N ASN B 8 -24.09 -9.79 -8.74
CA ASN B 8 -22.72 -10.21 -8.39
C ASN B 8 -22.17 -9.51 -7.16
N THR B 9 -22.93 -8.63 -6.56
CA THR B 9 -22.35 -7.85 -5.50
C THR B 9 -22.46 -8.58 -4.13
N SER B 10 -23.65 -9.11 -3.75
CA SER B 10 -23.84 -9.54 -2.39
C SER B 10 -23.21 -10.93 -2.09
N PHE B 11 -22.50 -10.99 -0.98
CA PHE B 11 -22.01 -12.22 -0.40
C PHE B 11 -23.15 -13.19 -0.15
N SER B 12 -24.38 -12.67 0.06
CA SER B 12 -25.55 -13.53 0.26
C SER B 12 -26.07 -14.26 -0.96
N ASP B 13 -25.55 -13.89 -2.13
CA ASP B 13 -25.94 -14.56 -3.34
C ASP B 13 -24.90 -15.62 -3.77
N ILE B 14 -23.87 -15.82 -2.94
CA ILE B 14 -22.87 -16.85 -3.14
C ILE B 14 -23.27 -18.15 -2.45
N GLU B 15 -23.42 -19.20 -3.24
CA GLU B 15 -23.71 -20.48 -2.66
C GLU B 15 -22.44 -21.33 -2.50
N LEU B 16 -22.27 -21.89 -1.30
CA LEU B 16 -21.11 -22.68 -1.01
C LEU B 16 -21.15 -24.04 -1.68
N LEU B 17 -19.96 -24.47 -2.06
CA LEU B 17 -19.80 -25.77 -2.65
C LEU B 17 -19.67 -26.84 -1.51
N GLU B 18 -19.38 -28.09 -1.87
CA GLU B 18 -19.24 -29.15 -0.85
C GLU B 18 -18.15 -28.74 0.16
N ASP B 19 -18.30 -29.20 1.40
CA ASP B 19 -17.34 -28.96 2.49
C ASP B 19 -17.18 -27.44 2.71
N SER B 20 -18.29 -26.70 2.61
CA SER B 20 -18.34 -25.27 2.83
C SER B 20 -17.36 -24.50 1.92
N GLY B 21 -17.14 -25.01 0.73
CA GLY B 21 -16.23 -24.40 -0.18
C GLY B 21 -16.71 -23.07 -0.70
N ILE B 22 -15.85 -22.07 -0.62
CA ILE B 22 -16.23 -20.73 -1.03
C ILE B 22 -15.78 -20.52 -2.49
N PRO B 23 -16.73 -20.42 -3.44
CA PRO B 23 -16.38 -20.32 -4.87
C PRO B 23 -15.51 -19.09 -5.15
N THR B 24 -14.37 -19.33 -5.81
CA THR B 24 -13.35 -18.35 -5.96
C THR B 24 -13.88 -17.12 -6.75
N GLU B 25 -14.43 -17.36 -7.94
CA GLU B 25 -14.76 -16.29 -8.82
C GLU B 25 -15.85 -15.41 -8.17
N ALA B 26 -16.91 -16.04 -7.61
CA ALA B 26 -18.03 -15.24 -7.04
C ALA B 26 -17.51 -14.39 -5.84
N PHE B 27 -16.65 -15.00 -5.04
CA PHE B 27 -16.12 -14.31 -3.87
C PHE B 27 -15.29 -13.07 -4.28
N LEU B 28 -14.42 -13.27 -5.23
CA LEU B 28 -13.60 -12.16 -5.75
C LEU B 28 -14.44 -11.06 -6.41
N ALA B 29 -15.54 -11.43 -7.07
CA ALA B 29 -16.47 -10.48 -7.67
C ALA B 29 -17.19 -9.64 -6.61
N SER B 30 -17.57 -10.24 -5.51
CA SER B 30 -18.19 -9.51 -4.43
C SER B 30 -17.17 -8.56 -3.77
N CYS B 31 -15.91 -9.01 -3.68
CA CYS B 31 -14.92 -8.13 -3.15
C CYS B 31 -14.68 -6.93 -4.08
N TYR B 32 -14.61 -7.20 -5.37
CA TYR B 32 -14.27 -6.14 -6.37
C TYR B 32 -15.43 -5.13 -6.46
N ALA B 33 -16.65 -5.63 -6.22
CA ALA B 33 -17.83 -4.76 -6.35
C ALA B 33 -17.74 -3.44 -5.51
N VAL B 34 -17.04 -3.50 -4.37
CA VAL B 34 -16.83 -2.36 -3.49
C VAL B 34 -16.01 -1.21 -4.16
N VAL B 35 -15.16 -1.61 -5.11
CA VAL B 35 -14.19 -0.64 -5.69
C VAL B 35 -14.86 0.64 -6.29
N PRO B 36 -15.88 0.46 -7.15
CA PRO B 36 -16.54 1.64 -7.69
C PRO B 36 -17.16 2.58 -6.64
N VAL B 37 -17.55 2.01 -5.52
CA VAL B 37 -18.10 2.77 -4.43
C VAL B 37 -17.01 3.63 -3.80
N LEU B 38 -15.85 3.04 -3.60
CA LEU B 38 -14.67 3.81 -3.09
C LEU B 38 -14.35 4.97 -4.05
N ASP B 39 -14.47 4.72 -5.33
CA ASP B 39 -14.18 5.76 -6.33
C ASP B 39 -15.21 6.92 -6.20
N LYS B 40 -16.44 6.60 -5.86
CA LYS B 40 -17.47 7.63 -5.71
C LYS B 40 -17.23 8.42 -4.44
N LEU B 41 -16.72 7.76 -3.40
CA LEU B 41 -16.59 8.41 -2.08
C LEU B 41 -15.35 9.32 -1.91
N GLY B 42 -14.27 9.08 -2.64
CA GLY B 42 -13.06 9.85 -2.47
C GLY B 42 -11.84 9.20 -3.09
N PRO B 43 -11.56 9.51 -4.37
CA PRO B 43 -10.45 8.84 -5.01
C PRO B 43 -9.12 9.09 -4.31
N THR B 44 -8.89 10.31 -3.78
CA THR B 44 -7.62 10.53 -3.09
C THR B 44 -7.65 9.89 -1.67
N VAL B 45 -8.67 10.16 -0.86
CA VAL B 45 -8.66 9.60 0.54
C VAL B 45 -8.74 8.08 0.55
N PHE B 46 -9.52 7.50 -0.37
CA PHE B 46 -9.67 6.04 -0.38
C PHE B 46 -8.52 5.34 -1.18
N ALA B 47 -7.62 6.08 -1.82
CA ALA B 47 -6.61 5.40 -2.68
C ALA B 47 -5.84 4.28 -2.02
N PRO B 48 -5.36 4.48 -0.77
CA PRO B 48 -4.58 3.36 -0.19
C PRO B 48 -5.42 2.08 0.01
N VAL B 49 -6.70 2.26 0.33
CA VAL B 49 -7.60 1.12 0.54
C VAL B 49 -7.94 0.46 -0.82
N LYS B 50 -8.20 1.26 -1.85
CA LYS B 50 -8.44 0.71 -3.18
C LYS B 50 -7.24 -0.06 -3.70
N MET B 51 -6.06 0.57 -3.59
CA MET B 51 -4.86 -0.11 -4.03
C MET B 51 -4.70 -1.49 -3.35
N ASP B 52 -4.92 -1.50 -2.03
CA ASP B 52 -4.75 -2.70 -1.27
C ASP B 52 -5.74 -3.79 -1.74
N LEU B 53 -7.01 -3.42 -1.78
CA LEU B 53 -8.06 -4.35 -2.12
C LEU B 53 -7.84 -4.95 -3.53
N VAL B 54 -7.61 -4.05 -4.50
CA VAL B 54 -7.45 -4.50 -5.88
C VAL B 54 -6.22 -5.40 -5.99
N GLY B 55 -5.13 -5.05 -5.29
CA GLY B 55 -3.94 -5.87 -5.38
C GLY B 55 -4.13 -7.25 -4.88
N ASN B 56 -4.87 -7.40 -3.80
CA ASN B 56 -5.11 -8.76 -3.24
C ASN B 56 -6.05 -9.59 -4.11
N ILE B 57 -7.11 -8.96 -4.61
CA ILE B 57 -8.01 -9.63 -5.56
C ILE B 57 -7.20 -10.15 -6.76
N LYS B 58 -6.31 -9.28 -7.28
CA LYS B 58 -5.46 -9.62 -8.45
C LYS B 58 -4.61 -10.86 -8.14
N LYS B 59 -3.97 -10.85 -6.97
CA LYS B 59 -3.09 -11.95 -6.61
C LYS B 59 -3.83 -13.28 -6.40
N VAL B 60 -5.01 -13.27 -5.84
CA VAL B 60 -5.78 -14.52 -5.77
C VAL B 60 -6.26 -14.95 -7.16
N ASN B 61 -6.76 -13.98 -7.94
CA ASN B 61 -7.22 -14.26 -9.32
C ASN B 61 -6.12 -14.85 -10.18
N GLN B 62 -4.90 -14.33 -10.04
CA GLN B 62 -3.79 -14.81 -10.90
C GLN B 62 -3.48 -16.25 -10.62
N LYS B 63 -3.62 -16.71 -9.38
CA LYS B 63 -3.41 -18.09 -9.08
C LYS B 63 -4.58 -18.95 -9.62
N TYR B 64 -5.79 -18.48 -9.35
CA TYR B 64 -7.02 -19.12 -9.84
C TYR B 64 -6.96 -19.47 -11.32
N ILE B 65 -6.62 -18.48 -12.13
CA ILE B 65 -6.68 -18.62 -13.57
C ILE B 65 -5.60 -19.59 -14.10
N THR B 66 -4.59 -19.92 -13.28
CA THR B 66 -3.53 -20.95 -13.58
C THR B 66 -4.17 -22.36 -13.78
N ASN B 67 -5.30 -22.60 -13.09
CA ASN B 67 -5.98 -23.93 -13.17
C ASN B 67 -7.35 -23.81 -12.56
N LYS B 68 -8.27 -23.24 -13.32
CA LYS B 68 -9.57 -22.90 -12.71
C LYS B 68 -10.32 -24.16 -12.20
N ALA B 69 -10.10 -25.33 -12.85
CA ALA B 69 -10.79 -26.57 -12.43
C ALA B 69 -10.29 -27.09 -11.08
N LYS B 70 -8.99 -26.88 -10.77
CA LYS B 70 -8.36 -27.30 -9.55
C LYS B 70 -8.69 -26.30 -8.42
N PHE B 71 -8.88 -25.05 -8.82
CA PHE B 71 -8.97 -23.92 -7.86
C PHE B 71 -10.36 -23.31 -7.72
N THR B 72 -11.36 -24.15 -7.76
CA THR B 72 -12.73 -23.72 -7.74
C THR B 72 -13.16 -23.04 -6.45
N THR B 73 -12.45 -23.28 -5.36
CA THR B 73 -12.74 -22.64 -4.09
C THR B 73 -11.49 -21.96 -3.49
N LEU B 74 -11.73 -21.03 -2.58
CA LEU B 74 -10.64 -20.46 -1.84
C LEU B 74 -9.80 -21.46 -1.04
N GLN B 75 -10.49 -22.41 -0.42
CA GLN B 75 -9.83 -23.45 0.34
C GLN B 75 -8.88 -24.28 -0.53
N LYS B 76 -9.36 -24.65 -1.73
CA LYS B 76 -8.51 -25.39 -2.66
C LYS B 76 -7.20 -24.65 -2.96
N ILE B 77 -7.29 -23.33 -3.13
CA ILE B 77 -6.12 -22.52 -3.40
C ILE B 77 -5.15 -22.55 -2.23
N VAL B 78 -5.67 -22.22 -1.06
CA VAL B 78 -4.85 -22.18 0.13
C VAL B 78 -4.21 -23.54 0.48
N LEU B 79 -5.01 -24.60 0.46
CA LEU B 79 -4.49 -25.90 0.81
C LEU B 79 -3.44 -26.37 -0.18
N HIS B 80 -3.57 -25.97 -1.47
CA HIS B 80 -2.54 -26.34 -2.44
C HIS B 80 -1.25 -25.63 -2.08
N GLU B 81 -1.31 -24.32 -1.75
CA GLU B 81 -0.11 -23.60 -1.36
C GLU B 81 0.55 -24.19 -0.13
N VAL B 82 -0.24 -24.63 0.82
CA VAL B 82 0.29 -25.24 2.04
C VAL B 82 0.98 -26.58 1.69
N GLU B 83 0.30 -27.40 0.89
CA GLU B 83 0.87 -28.71 0.49
C GLU B 83 2.17 -28.55 -0.28
N ALA B 84 2.27 -27.48 -1.06
CA ALA B 84 3.45 -27.23 -1.91
C ALA B 84 4.52 -26.42 -1.18
N ASP B 85 4.21 -26.03 0.07
CA ASP B 85 5.07 -25.21 0.91
C ASP B 85 5.47 -23.91 0.21
N VAL B 86 4.48 -23.24 -0.38
CA VAL B 86 4.71 -21.97 -1.04
C VAL B 86 3.85 -20.81 -0.52
N ALA B 87 3.15 -21.03 0.60
CA ALA B 87 2.28 -19.98 1.18
C ALA B 87 3.07 -18.78 1.70
N GLN B 88 4.36 -19.00 2.02
CA GLN B 88 5.23 -17.94 2.51
C GLN B 88 6.00 -17.21 1.39
N VAL B 89 5.87 -17.65 0.16
CA VAL B 89 6.62 -17.07 -0.94
C VAL B 89 5.99 -15.73 -1.29
N ARG B 90 6.85 -14.77 -1.66
CA ARG B 90 6.38 -13.45 -2.07
C ARG B 90 5.19 -13.55 -3.05
N ASN B 91 4.18 -12.73 -2.78
CA ASN B 91 3.02 -12.55 -3.65
C ASN B 91 2.09 -13.79 -3.68
N SER B 92 2.18 -14.63 -2.64
CA SER B 92 1.30 -15.78 -2.59
C SER B 92 -0.19 -15.41 -2.51
N ALA B 93 -1.04 -16.34 -3.00
CA ALA B 93 -2.48 -16.20 -2.86
C ALA B 93 -2.87 -16.27 -1.40
N THR B 94 -2.18 -17.11 -0.62
CA THR B 94 -2.53 -17.26 0.81
C THR B 94 -2.35 -15.93 1.53
N GLU B 95 -1.21 -15.26 1.26
CA GLU B 95 -0.97 -13.97 1.89
C GLU B 95 -1.98 -12.90 1.40
N ALA B 96 -2.29 -12.93 0.10
CA ALA B 96 -3.28 -12.01 -0.45
C ALA B 96 -4.61 -12.19 0.22
N LEU B 97 -5.03 -13.43 0.38
CA LEU B 97 -6.35 -13.71 0.99
C LEU B 97 -6.37 -13.38 2.50
N LEU B 98 -5.19 -13.51 3.15
CA LEU B 98 -5.09 -13.07 4.54
C LEU B 98 -5.47 -11.62 4.68
N TRP B 99 -4.87 -10.78 3.83
CA TRP B 99 -5.11 -9.34 3.90
C TRP B 99 -6.49 -8.96 3.34
N LEU B 100 -6.98 -9.73 2.39
CA LEU B 100 -8.34 -9.51 1.86
CA LEU B 100 -8.34 -9.55 1.85
C LEU B 100 -9.33 -9.76 3.01
N LYS B 101 -9.17 -10.88 3.75
CA LYS B 101 -10.11 -11.17 4.81
CA LYS B 101 -10.11 -11.17 4.81
C LYS B 101 -10.02 -10.12 5.94
N ARG B 102 -8.80 -9.66 6.22
CA ARG B 102 -8.64 -8.60 7.21
C ARG B 102 -9.38 -7.31 6.80
N GLY B 103 -9.26 -6.97 5.52
CA GLY B 103 -9.95 -5.82 5.02
C GLY B 103 -11.45 -5.99 5.01
N LEU B 104 -11.91 -7.17 4.64
CA LEU B 104 -13.36 -7.45 4.67
C LEU B 104 -13.90 -7.41 6.09
N LYS B 105 -13.10 -7.82 7.07
CA LYS B 105 -13.57 -7.73 8.47
C LYS B 105 -13.83 -6.23 8.86
N PHE B 106 -12.94 -5.34 8.37
CA PHE B 106 -13.16 -3.90 8.59
C PHE B 106 -14.43 -3.38 7.90
N LEU B 107 -14.61 -3.74 6.65
CA LEU B 107 -15.79 -3.44 5.91
C LEU B 107 -17.03 -3.91 6.65
N LYS B 108 -17.04 -5.17 7.04
CA LYS B 108 -18.17 -5.76 7.81
C LYS B 108 -18.46 -4.99 9.09
N GLY B 109 -17.41 -4.64 9.83
CA GLY B 109 -17.61 -3.94 11.08
C GLY B 109 -18.20 -2.54 10.86
N PHE B 110 -17.70 -1.82 9.87
CA PHE B 110 -18.18 -0.52 9.49
C PHE B 110 -19.66 -0.61 9.14
N LEU B 111 -19.97 -1.48 8.19
CA LEU B 111 -21.35 -1.62 7.78
C LEU B 111 -22.30 -2.11 8.88
N THR B 112 -21.78 -2.88 9.83
CA THR B 112 -22.58 -3.34 10.95
C THR B 112 -22.95 -2.12 11.83
N GLU B 113 -21.99 -1.21 12.03
CA GLU B 113 -22.28 0.01 12.76
C GLU B 113 -23.43 0.82 12.11
N VAL B 114 -23.37 0.93 10.78
CA VAL B 114 -24.38 1.67 10.00
C VAL B 114 -25.73 0.93 10.07
N LYS B 115 -25.70 -0.37 9.94
CA LYS B 115 -26.91 -1.23 9.99
C LYS B 115 -27.61 -1.02 11.34
N ASN B 116 -26.81 -0.88 12.39
CA ASN B 116 -27.30 -0.78 13.77
C ASN B 116 -27.59 0.67 14.14
N GLY B 117 -27.61 1.54 13.17
CA GLY B 117 -28.14 2.86 13.35
C GLY B 117 -27.18 4.03 13.54
N GLU B 118 -25.89 3.78 13.38
CA GLU B 118 -24.88 4.80 13.54
C GLU B 118 -24.90 5.72 12.36
N LYS B 119 -25.17 7.01 12.59
CA LYS B 119 -25.23 7.98 11.50
C LYS B 119 -24.00 8.92 11.35
N ASP B 120 -23.09 8.87 12.33
CA ASP B 120 -21.79 9.55 12.23
C ASP B 120 -20.83 8.55 11.60
N ILE B 121 -20.49 8.82 10.33
CA ILE B 121 -19.62 7.92 9.53
C ILE B 121 -18.22 7.83 10.16
N GLN B 122 -17.69 8.93 10.70
CA GLN B 122 -16.34 8.82 11.35
C GLN B 122 -16.36 7.91 12.57
N THR B 123 -17.41 8.05 13.38
CA THR B 123 -17.58 7.17 14.54
C THR B 123 -17.67 5.70 14.07
N ALA B 124 -18.52 5.41 13.07
CA ALA B 124 -18.68 4.03 12.60
C ALA B 124 -17.34 3.48 12.09
N LEU B 125 -16.62 4.28 11.31
CA LEU B 125 -15.31 3.86 10.78
C LEU B 125 -14.29 3.62 11.89
N ASN B 126 -14.25 4.56 12.86
CA ASN B 126 -13.28 4.42 13.93
C ASN B 126 -13.57 3.26 14.85
N ASN B 127 -14.83 3.07 15.17
CA ASN B 127 -15.24 1.93 15.99
C ASN B 127 -14.82 0.60 15.30
N ALA B 128 -15.14 0.51 14.02
CA ALA B 128 -14.79 -0.66 13.22
C ALA B 128 -13.27 -0.90 13.16
N TYR B 129 -12.54 0.19 12.95
CA TYR B 129 -11.08 0.12 12.82
C TYR B 129 -10.48 -0.47 14.09
N GLY B 130 -10.88 0.08 15.23
CA GLY B 130 -10.36 -0.41 16.49
C GLY B 130 -10.53 -1.86 16.77
N LYS B 131 -11.64 -2.44 16.28
CA LYS B 131 -11.92 -3.84 16.48
C LYS B 131 -11.37 -4.77 15.40
N THR B 132 -10.79 -4.22 14.36
CA THR B 132 -10.36 -5.01 13.21
C THR B 132 -8.90 -4.70 12.82
N LEU B 133 -8.70 -3.75 11.91
CA LEU B 133 -7.40 -3.53 11.29
C LEU B 133 -6.39 -2.95 12.24
N ARG B 134 -6.83 -2.22 13.29
CA ARG B 134 -5.84 -1.58 14.19
C ARG B 134 -4.79 -2.55 14.70
N GLN B 135 -5.24 -3.76 15.07
CA GLN B 135 -4.31 -4.74 15.61
C GLN B 135 -3.20 -5.17 14.65
N HIS B 136 -3.43 -4.95 13.36
CA HIS B 136 -2.48 -5.39 12.33
C HIS B 136 -1.63 -4.23 11.86
N HIS B 137 -1.79 -3.06 12.45
CA HIS B 137 -1.15 -1.80 11.96
C HIS B 137 -0.19 -1.24 12.99
N GLY B 138 0.96 -0.86 12.55
CA GLY B 138 1.91 -0.14 13.39
C GLY B 138 1.63 1.33 13.48
N TRP B 139 2.54 2.02 14.16
CA TRP B 139 2.32 3.44 14.48
C TRP B 139 2.06 4.38 13.29
N VAL B 140 2.88 4.30 12.27
CA VAL B 140 2.74 5.16 11.09
C VAL B 140 1.40 4.89 10.35
N VAL B 141 1.05 3.62 10.15
CA VAL B 141 -0.19 3.30 9.45
C VAL B 141 -1.41 3.74 10.28
N ARG B 142 -1.37 3.50 11.61
CA ARG B 142 -2.46 4.03 12.47
C ARG B 142 -2.63 5.54 12.29
N GLY B 143 -1.50 6.25 12.18
CA GLY B 143 -1.55 7.71 11.99
C GLY B 143 -2.16 8.15 10.66
N VAL B 144 -1.89 7.41 9.62
CA VAL B 144 -2.52 7.66 8.29
C VAL B 144 -4.00 7.37 8.35
N PHE B 145 -4.41 6.32 9.07
CA PHE B 145 -5.84 6.09 9.27
C PHE B 145 -6.47 7.30 9.98
N ALA B 146 -5.83 7.77 11.05
CA ALA B 146 -6.39 8.89 11.81
C ALA B 146 -6.60 10.16 11.00
N LEU B 147 -5.61 10.48 10.17
CA LEU B 147 -5.71 11.64 9.29
C LEU B 147 -6.83 11.44 8.28
N ALA B 148 -6.91 10.23 7.69
CA ALA B 148 -7.95 9.96 6.69
C ALA B 148 -9.35 10.08 7.22
N LEU B 149 -9.53 9.66 8.48
CA LEU B 149 -10.81 9.65 9.11
C LEU B 149 -11.34 11.07 9.07
N ARG B 150 -10.43 12.04 9.10
CA ARG B 150 -10.84 13.44 9.11
CA ARG B 150 -10.83 13.46 9.09
C ARG B 150 -11.53 13.86 7.81
N ALA B 151 -11.20 13.17 6.71
CA ALA B 151 -11.79 13.41 5.41
C ALA B 151 -12.92 12.38 5.10
N ALA B 152 -13.45 11.72 6.13
CA ALA B 152 -14.61 10.80 5.95
C ALA B 152 -15.76 11.49 5.20
N PRO B 153 -16.45 10.73 4.34
CA PRO B 153 -17.67 11.28 3.72
C PRO B 153 -18.75 11.56 4.75
N SER B 154 -19.59 12.51 4.42
CA SER B 154 -20.85 12.73 5.18
C SER B 154 -21.75 11.49 5.02
N TYR B 155 -22.69 11.33 5.95
CA TYR B 155 -23.67 10.25 5.82
C TYR B 155 -24.46 10.39 4.51
N GLU B 156 -24.85 11.63 4.18
CA GLU B 156 -25.59 11.90 2.92
C GLU B 156 -24.82 11.46 1.66
N ASP B 157 -23.51 11.71 1.69
CA ASP B 157 -22.66 11.34 0.56
C ASP B 157 -22.46 9.83 0.49
N PHE B 158 -22.38 9.24 1.67
CA PHE B 158 -22.26 7.77 1.77
C PHE B 158 -23.48 7.09 1.14
N VAL B 159 -24.66 7.53 1.54
CA VAL B 159 -25.90 7.01 0.98
CA VAL B 159 -25.89 7.02 0.98
C VAL B 159 -25.94 7.27 -0.52
N ALA B 160 -25.48 8.45 -0.97
CA ALA B 160 -25.53 8.80 -2.43
C ALA B 160 -24.75 7.74 -3.22
N ALA B 161 -23.63 7.29 -2.65
CA ALA B 161 -22.74 6.34 -3.32
C ALA B 161 -23.32 4.94 -3.41
N LEU B 162 -24.39 4.70 -2.67
CA LEU B 162 -24.99 3.36 -2.56
C LEU B 162 -26.35 3.24 -3.28
N THR B 163 -26.79 4.35 -3.87
CA THR B 163 -28.03 4.35 -4.61
C THR B 163 -27.78 3.75 -6.02
N VAL B 164 -28.85 3.16 -6.52
CA VAL B 164 -28.85 2.59 -7.86
CA VAL B 164 -28.88 2.56 -7.84
C VAL B 164 -29.96 3.29 -8.65
N LYS B 165 -29.78 3.37 -9.94
CA LYS B 165 -30.69 4.27 -10.71
C LYS B 165 -32.17 3.92 -10.54
N GLU B 166 -32.45 2.64 -10.27
CA GLU B 166 -33.81 2.09 -10.06
C GLU B 166 -34.53 2.66 -8.83
N GLY B 167 -33.79 3.31 -7.93
CA GLY B 167 -34.43 3.91 -6.73
C GLY B 167 -34.65 5.43 -6.74
N ASP B 168 -34.82 6.03 -7.93
CA ASP B 168 -35.08 7.47 -8.03
C ASP B 168 -36.40 7.90 -7.40
N HIS B 169 -37.35 6.95 -7.26
CA HIS B 169 -38.68 7.25 -6.64
C HIS B 169 -38.83 6.80 -5.19
N GLN B 170 -37.75 6.25 -4.61
CA GLN B 170 -37.79 5.75 -3.21
C GLN B 170 -36.65 6.27 -2.30
N LYS B 171 -36.16 7.48 -2.61
CA LYS B 171 -35.02 8.12 -1.87
C LYS B 171 -35.38 8.25 -0.38
N GLU B 172 -36.62 8.64 -0.13
CA GLU B 172 -37.11 8.72 1.25
C GLU B 172 -37.09 7.39 1.99
N ALA B 173 -37.22 6.30 1.22
CA ALA B 173 -37.32 4.93 1.78
C ALA B 173 -35.92 4.25 1.76
N PHE B 174 -34.87 4.96 1.32
CA PHE B 174 -33.54 4.33 1.20
C PHE B 174 -33.15 3.48 2.42
N SER B 175 -33.45 3.97 3.63
CA SER B 175 -33.42 3.21 4.90
C SER B 175 -33.88 1.77 4.85
N ILE B 176 -35.11 1.56 4.39
CA ILE B 176 -35.77 0.19 4.29
C ILE B 176 -34.99 -0.75 3.36
N GLY B 177 -34.44 -0.16 2.32
CA GLY B 177 -33.69 -0.93 1.30
C GLY B 177 -32.32 -1.28 1.86
N MET B 178 -31.66 -0.31 2.49
CA MET B 178 -30.32 -0.55 3.06
C MET B 178 -30.42 -1.59 4.17
N GLN B 179 -31.46 -1.44 5.01
CA GLN B 179 -31.67 -2.42 6.09
C GLN B 179 -31.90 -3.84 5.61
N ARG B 180 -32.79 -4.00 4.64
CA ARG B 180 -33.05 -5.33 4.07
CA ARG B 180 -33.06 -5.33 4.02
C ARG B 180 -31.78 -5.93 3.49
N ASP B 181 -31.11 -5.14 2.66
CA ASP B 181 -29.96 -5.63 1.97
C ASP B 181 -28.73 -5.97 2.90
N LEU B 182 -28.47 -5.11 3.88
CA LEU B 182 -27.40 -5.34 4.86
C LEU B 182 -27.73 -6.53 5.78
N SER B 183 -29.02 -6.79 6.02
CA SER B 183 -29.45 -7.93 6.83
CA SER B 183 -29.40 -7.91 6.84
C SER B 183 -29.17 -9.26 6.21
N LEU B 184 -28.88 -9.25 4.91
CA LEU B 184 -28.49 -10.44 4.16
C LEU B 184 -26.98 -10.41 3.92
N TYR B 185 -26.47 -9.27 3.49
CA TYR B 185 -25.08 -9.15 3.12
C TYR B 185 -24.14 -9.45 4.25
N LEU B 186 -24.46 -8.89 5.42
CA LEU B 186 -23.59 -9.01 6.59
C LEU B 186 -23.47 -10.45 7.17
N PRO B 187 -24.60 -11.14 7.40
CA PRO B 187 -24.41 -12.49 7.95
C PRO B 187 -23.77 -13.40 6.94
N ALA B 188 -24.01 -13.16 5.65
CA ALA B 188 -23.35 -14.01 4.65
C ALA B 188 -21.81 -13.80 4.68
N MET B 189 -21.39 -12.55 4.76
CA MET B 189 -19.99 -12.29 4.83
CA MET B 189 -19.99 -12.17 4.93
C MET B 189 -19.42 -12.83 6.14
N GLU B 190 -20.17 -12.70 7.26
CA GLU B 190 -19.71 -13.27 8.55
C GLU B 190 -19.43 -14.79 8.47
N LYS B 191 -20.34 -15.50 7.83
CA LYS B 191 -20.21 -16.94 7.64
C LYS B 191 -18.90 -17.33 6.87
N GLN B 192 -18.72 -16.61 5.74
CA GLN B 192 -17.58 -16.86 4.88
C GLN B 192 -16.27 -16.50 5.58
N LEU B 193 -16.28 -15.38 6.29
CA LEU B 193 -15.09 -14.99 7.03
C LEU B 193 -14.74 -15.94 8.17
N ALA B 194 -15.77 -16.45 8.78
CA ALA B 194 -15.58 -17.48 9.86
C ALA B 194 -14.92 -18.77 9.32
N ILE B 195 -15.39 -19.16 8.14
CA ILE B 195 -14.82 -20.33 7.44
C ILE B 195 -13.33 -20.06 7.17
N LEU B 196 -13.03 -18.90 6.63
CA LEU B 196 -11.65 -18.53 6.34
C LEU B 196 -10.77 -18.41 7.61
N ASP B 197 -11.32 -17.86 8.67
CA ASP B 197 -10.56 -17.72 9.90
C ASP B 197 -10.16 -19.12 10.41
N THR B 198 -11.11 -20.07 10.39
CA THR B 198 -10.80 -21.45 10.82
C THR B 198 -9.73 -22.08 9.95
N LEU B 199 -9.85 -21.93 8.64
CA LEU B 199 -8.85 -22.42 7.71
C LEU B 199 -7.44 -21.93 8.08
N TYR B 200 -7.32 -20.66 8.32
CA TYR B 200 -6.03 -20.08 8.57
C TYR B 200 -5.48 -20.49 9.93
N GLU B 201 -6.37 -20.58 10.91
CA GLU B 201 -6.04 -21.01 12.27
CA GLU B 201 -6.03 -21.01 12.25
C GLU B 201 -5.48 -22.42 12.28
N VAL B 202 -6.22 -23.34 11.65
CA VAL B 202 -5.92 -24.76 11.67
C VAL B 202 -4.59 -25.09 11.00
N HIS B 203 -4.21 -24.27 10.02
CA HIS B 203 -2.97 -24.49 9.28
C HIS B 203 -1.86 -23.54 9.66
N GLY B 204 -2.06 -22.71 10.69
CA GLY B 204 -0.94 -21.93 11.24
C GLY B 204 -0.55 -20.80 10.27
N LEU B 205 -1.58 -20.20 9.62
CA LEU B 205 -1.34 -19.20 8.56
C LEU B 205 -1.64 -17.76 9.00
N GLU B 206 -2.09 -17.57 10.25
CA GLU B 206 -2.26 -16.16 10.78
C GLU B 206 -0.91 -15.59 11.11
N SER B 207 -0.61 -14.37 10.80
CA SER B 207 0.69 -13.78 11.14
CA SER B 207 0.70 -13.76 11.13
C SER B 207 0.47 -12.67 12.18
N ASP B 208 1.42 -12.51 13.08
CA ASP B 208 1.23 -11.57 14.23
C ASP B 208 1.98 -10.23 14.07
N GLU B 209 2.77 -10.12 13.06
CA GLU B 209 3.45 -8.82 12.75
C GLU B 209 2.45 -7.77 12.30
N VAL B 210 2.80 -6.53 12.64
CA VAL B 210 2.05 -5.40 12.18
C VAL B 210 2.75 -4.72 11.00
N VAL B 211 1.99 -3.97 10.22
CA VAL B 211 2.55 -3.16 9.17
C VAL B 211 3.24 -1.88 9.68
#